data_5J6Q
#
_entry.id   5J6Q
#
_cell.length_a   45.454
_cell.length_b   63.432
_cell.length_c   86.407
_cell.angle_alpha   97.250
_cell.angle_beta   100.530
_cell.angle_gamma   91.960
#
_symmetry.space_group_name_H-M   'P 1'
#
loop_
_entity.id
_entity.type
_entity.pdbx_description
1 polymer 'Cell wall binding protein cwp8'
2 non-polymer 'SULFATE ION'
3 non-polymer 'CHLORIDE ION'
4 water water
#
_entity_poly.entity_id   1
_entity_poly.type   'polypeptide(L)'
_entity_poly.pdbx_seq_one_letter_code
;VDKNYTVSAKDSAKLIEEVRKALEVKFEDTKAGANVNDRVYDIKVDNVNLTNATQLQNKINSLTEGQSLKVTIQDKGHQV
LGGKVVDYKIENYKTAQEIVDAVNAYNATLAEDSDNKLTATIKSTNTVEVKRAKDSANVITLNVGDQHLDFSKVITSEEG
TFEGYEKRYSDIDSKELHTVTVKNADLQDISAEELFDGIRLTTLGREIVNKVKNGYALTFENEAILTQEQEDSDDKDKPE
KSSFDIVLSKANEKPETISVSSKNHKLVRDLHKVLTDVKDGKELKVEVLSGDSRFTTAVEVSKERFKDGEAEAIILVGED
AIVDGLASAPLASQKNAPILLSKKDSLPSEIEAEILRVLGSNLSSKKIYIVGGESKVSKETEEKLSKLGVSKVERVSGED
RFETSLEIAKQLKDTFKTAFVVGGNGEADAMSISARAAQFGAPIIVTGNELDANAEKLLKGKELEIVGGENSVSKEVEDK
LVDIDLNNKVERLAGENRKDTNAKVINKYYAGATKAYVAKDGYVGGNGQLVDALTAAPLAASSKAPIVLTTEELSKSQEE
VVELRLKNATKLVQIGEGIAKNAIEKIAEKINLFT
;
_entity_poly.pdbx_strand_id   A
#
loop_
_chem_comp.id
_chem_comp.type
_chem_comp.name
_chem_comp.formula
CL non-polymer 'CHLORIDE ION' 'Cl -1'
SO4 non-polymer 'SULFATE ION' 'O4 S -2'
#
# COMPACT_ATOMS: atom_id res chain seq x y z
N VAL A 1 12.03 22.07 -21.36
CA VAL A 1 11.57 20.72 -21.06
C VAL A 1 12.80 19.84 -20.93
N ASP A 2 13.14 19.41 -19.72
CA ASP A 2 14.34 18.60 -19.54
C ASP A 2 14.23 17.54 -18.45
N LYS A 3 13.88 16.30 -18.81
CA LYS A 3 13.79 15.21 -17.84
C LYS A 3 13.49 13.86 -18.45
N ASN A 4 13.86 12.80 -17.74
CA ASN A 4 13.64 11.42 -18.18
C ASN A 4 12.52 10.76 -17.39
N TYR A 5 11.36 10.52 -18.03
CA TYR A 5 10.22 9.91 -17.36
C TYR A 5 9.50 8.84 -18.20
N THR A 6 8.33 8.39 -17.71
CA THR A 6 7.56 7.36 -18.34
C THR A 6 6.13 7.75 -18.44
N VAL A 7 5.53 7.51 -19.58
CA VAL A 7 4.13 7.84 -19.78
C VAL A 7 3.50 6.68 -20.33
N SER A 8 2.21 6.59 -20.17
CA SER A 8 1.53 5.49 -20.79
C SER A 8 1.26 5.85 -22.27
N ALA A 9 1.15 4.83 -23.11
CA ALA A 9 0.81 5.00 -24.50
C ALA A 9 -0.47 5.90 -24.58
N LYS A 10 -1.56 5.50 -23.93
CA LYS A 10 -2.85 6.23 -23.95
C LYS A 10 -2.68 7.74 -23.61
N ASP A 11 -1.76 8.10 -22.71
CA ASP A 11 -1.62 9.50 -22.39
C ASP A 11 -0.33 10.08 -22.99
N SER A 12 0.05 9.63 -24.22
CA SER A 12 1.31 10.12 -24.86
C SER A 12 1.08 11.25 -25.87
N ALA A 13 -0.19 11.79 -26.03
CA ALA A 13 -0.50 12.90 -26.99
C ALA A 13 0.49 14.06 -26.89
N LYS A 14 0.68 14.53 -25.68
CA LYS A 14 1.56 15.61 -25.31
C LYS A 14 3.00 15.30 -25.72
N LEU A 15 3.45 14.01 -25.65
CA LEU A 15 4.85 13.77 -26.01
C LEU A 15 4.96 13.88 -27.52
N ILE A 16 4.06 13.24 -28.22
CA ILE A 16 4.06 13.29 -29.68
C ILE A 16 4.07 14.77 -30.31
N GLU A 17 3.34 15.74 -29.72
CA GLU A 17 3.34 17.12 -30.28
C GLU A 17 4.57 17.83 -29.77
N GLU A 18 5.07 17.35 -28.67
CA GLU A 18 6.30 17.86 -28.11
C GLU A 18 7.38 17.49 -29.17
N VAL A 19 7.31 16.24 -29.67
CA VAL A 19 8.29 15.80 -30.65
C VAL A 19 8.03 16.49 -32.03
N ARG A 20 6.74 16.57 -32.44
CA ARG A 20 6.39 17.21 -33.72
C ARG A 20 7.02 18.62 -33.77
N LYS A 21 6.84 19.39 -32.73
CA LYS A 21 7.41 20.74 -32.71
C LYS A 21 8.91 20.73 -32.71
N ALA A 22 9.54 19.83 -31.90
CA ALA A 22 11.01 19.81 -31.80
C ALA A 22 11.62 19.42 -33.18
N LEU A 23 10.93 18.49 -33.88
CA LEU A 23 11.41 18.11 -35.23
C LEU A 23 11.42 19.34 -36.18
N GLU A 24 10.63 20.41 -35.88
CA GLU A 24 10.69 21.51 -36.83
C GLU A 24 11.91 22.42 -36.65
N VAL A 25 12.56 22.39 -35.45
CA VAL A 25 13.71 23.26 -35.22
C VAL A 25 14.91 22.86 -36.08
N LYS A 26 15.26 23.71 -37.04
CA LYS A 26 16.39 23.43 -37.93
C LYS A 26 17.46 24.56 -37.83
N PHE A 27 18.64 24.29 -38.37
CA PHE A 27 19.72 25.23 -38.40
C PHE A 27 19.46 26.15 -39.58
N GLU A 28 19.51 27.48 -39.37
CA GLU A 28 19.34 28.43 -40.45
C GLU A 28 20.73 28.84 -40.97
N ASP A 29 21.75 28.72 -40.13
CA ASP A 29 23.14 29.03 -40.51
C ASP A 29 24.08 28.06 -39.76
N THR A 30 25.09 27.50 -40.44
CA THR A 30 25.97 26.56 -39.77
C THR A 30 27.41 26.89 -40.09
N LYS A 31 28.28 26.75 -39.09
CA LYS A 31 29.68 27.05 -39.33
C LYS A 31 30.59 25.99 -38.74
N ALA A 32 30.11 25.21 -37.77
CA ALA A 32 30.92 24.17 -37.14
C ALA A 32 30.76 22.78 -37.79
N GLY A 33 30.18 22.69 -39.00
CA GLY A 33 30.07 21.40 -39.65
C GLY A 33 28.68 20.86 -39.92
N ALA A 34 27.65 21.39 -39.24
CA ALA A 34 26.32 20.87 -39.50
C ALA A 34 25.86 21.37 -40.88
N ASN A 35 24.67 20.95 -41.35
CA ASN A 35 24.21 21.43 -42.63
C ASN A 35 23.04 22.32 -42.43
N VAL A 36 22.96 23.38 -43.21
CA VAL A 36 21.82 24.28 -43.07
C VAL A 36 20.53 23.44 -43.28
N ASN A 37 19.53 23.71 -42.44
CA ASN A 37 18.27 22.94 -42.41
C ASN A 37 18.38 21.57 -41.72
N ASP A 38 19.59 21.14 -41.26
CA ASP A 38 19.68 19.89 -40.50
C ASP A 38 18.76 20.07 -39.28
N ARG A 39 18.11 19.00 -38.76
CA ARG A 39 17.38 19.24 -37.52
C ARG A 39 18.39 19.54 -36.38
N VAL A 40 17.91 20.30 -35.40
CA VAL A 40 18.77 20.60 -34.26
C VAL A 40 18.55 19.54 -33.17
N TYR A 41 17.43 18.82 -33.18
CA TYR A 41 17.28 17.76 -32.18
C TYR A 41 17.50 16.45 -32.88
N ASP A 42 18.28 15.57 -32.21
CA ASP A 42 18.56 14.27 -32.71
C ASP A 42 17.50 13.40 -31.96
N ILE A 43 16.53 12.89 -32.70
CA ILE A 43 15.49 12.17 -32.05
C ILE A 43 15.32 10.71 -32.55
N LYS A 44 15.22 9.77 -31.63
CA LYS A 44 15.13 8.39 -32.01
C LYS A 44 14.12 7.68 -31.22
N VAL A 45 13.69 6.53 -31.79
CA VAL A 45 12.75 5.62 -31.20
C VAL A 45 13.50 4.23 -31.15
N ASP A 46 13.94 3.71 -29.94
CA ASP A 46 14.74 2.44 -29.80
C ASP A 46 15.87 2.59 -30.73
N ASN A 47 16.59 3.69 -30.58
CA ASN A 47 17.73 4.09 -31.38
C ASN A 47 17.53 4.09 -32.90
N VAL A 48 16.29 4.23 -33.37
CA VAL A 48 16.23 4.32 -34.81
C VAL A 48 15.78 5.79 -35.09
N ASN A 49 16.52 6.49 -35.94
CA ASN A 49 16.16 7.87 -36.35
C ASN A 49 14.64 8.05 -36.63
N LEU A 50 14.01 9.00 -36.03
CA LEU A 50 12.57 9.22 -36.23
C LEU A 50 12.28 9.92 -37.60
N THR A 51 11.59 9.25 -38.51
CA THR A 51 11.30 9.84 -39.82
C THR A 51 10.32 11.09 -39.55
N ASN A 52 9.25 10.98 -38.71
CA ASN A 52 8.38 12.24 -38.47
C ASN A 52 7.49 11.92 -37.30
N ALA A 53 6.56 12.82 -36.79
CA ALA A 53 5.83 12.42 -35.61
C ALA A 53 4.90 11.36 -35.89
N THR A 54 4.39 11.26 -37.10
CA THR A 54 3.44 10.19 -37.28
C THR A 54 4.15 8.75 -37.10
N GLN A 55 5.42 8.58 -37.46
CA GLN A 55 5.99 7.21 -37.27
C GLN A 55 6.07 7.03 -35.71
N LEU A 56 6.18 8.16 -34.89
CA LEU A 56 6.32 7.99 -33.43
C LEU A 56 5.02 7.40 -32.97
N GLN A 57 3.94 8.17 -33.32
CA GLN A 57 2.56 7.77 -33.09
C GLN A 57 2.28 6.30 -33.48
N ASN A 58 2.67 5.88 -34.72
CA ASN A 58 2.39 4.51 -35.11
C ASN A 58 3.17 3.51 -34.22
N LYS A 59 4.41 3.84 -33.80
CA LYS A 59 5.19 2.88 -33.01
C LYS A 59 4.55 2.77 -31.66
N ILE A 60 4.16 3.90 -31.08
CA ILE A 60 3.48 3.89 -29.80
C ILE A 60 2.19 3.06 -29.87
N ASN A 61 1.42 3.18 -30.99
CA ASN A 61 0.14 2.45 -31.13
C ASN A 61 0.32 1.00 -31.40
N SER A 62 1.47 0.59 -31.92
CA SER A 62 1.61 -0.84 -32.23
C SER A 62 2.12 -1.60 -30.96
N LEU A 63 2.29 -0.89 -29.87
CA LEU A 63 2.77 -1.53 -28.65
C LEU A 63 1.70 -2.47 -28.01
N THR A 64 1.99 -3.83 -27.86
CA THR A 64 0.95 -4.61 -27.14
C THR A 64 1.13 -4.47 -25.59
N GLU A 65 0.16 -5.05 -24.79
CA GLU A 65 0.17 -5.00 -23.32
C GLU A 65 1.51 -5.34 -22.74
N GLY A 66 2.04 -4.45 -21.92
CA GLY A 66 3.34 -4.73 -21.31
C GLY A 66 4.54 -4.19 -22.08
N GLN A 67 4.44 -4.17 -23.41
CA GLN A 67 5.54 -3.68 -24.27
C GLN A 67 5.83 -2.20 -24.07
N SER A 68 7.04 -1.83 -24.26
CA SER A 68 7.41 -0.44 -24.12
C SER A 68 8.46 -0.09 -25.20
N LEU A 69 8.73 1.25 -25.38
CA LEU A 69 9.76 1.65 -26.33
C LEU A 69 10.35 2.93 -25.75
N LYS A 70 11.52 3.32 -26.15
CA LYS A 70 12.03 4.58 -25.58
C LYS A 70 12.22 5.63 -26.69
N VAL A 71 11.95 6.90 -26.37
CA VAL A 71 12.23 8.02 -27.26
C VAL A 71 13.39 8.78 -26.75
N THR A 72 14.44 8.91 -27.53
CA THR A 72 15.52 9.70 -27.04
C THR A 72 15.54 10.97 -27.87
N ILE A 73 15.74 12.10 -27.16
CA ILE A 73 15.82 13.43 -27.72
C ILE A 73 17.13 13.97 -27.26
N GLN A 74 17.94 14.47 -28.16
CA GLN A 74 19.16 15.11 -27.71
C GLN A 74 19.51 16.36 -28.54
N ASP A 75 19.63 17.48 -27.86
CA ASP A 75 19.97 18.70 -28.56
C ASP A 75 21.40 18.64 -29.05
N LYS A 76 21.64 18.91 -30.31
CA LYS A 76 23.02 18.84 -30.83
C LYS A 76 23.80 20.15 -30.53
N GLY A 77 23.20 21.06 -29.72
CA GLY A 77 23.79 22.34 -29.39
C GLY A 77 23.42 23.42 -30.40
N HIS A 78 22.56 24.31 -30.00
CA HIS A 78 22.17 25.39 -30.89
C HIS A 78 21.99 26.69 -30.12
N GLN A 79 22.03 27.79 -30.85
CA GLN A 79 21.69 29.07 -30.22
C GLN A 79 21.10 30.04 -31.25
N VAL A 80 20.54 31.15 -30.79
CA VAL A 80 20.01 32.17 -31.70
C VAL A 80 20.96 33.37 -31.73
N LEU A 81 21.53 33.67 -32.89
CA LEU A 81 22.39 34.81 -33.10
C LEU A 81 21.74 35.67 -34.18
N GLY A 82 21.23 36.85 -33.81
CA GLY A 82 20.61 37.71 -34.79
C GLY A 82 19.41 37.09 -35.48
N GLY A 83 18.54 36.39 -34.72
CA GLY A 83 17.33 35.82 -35.29
C GLY A 83 17.43 34.49 -36.00
N LYS A 84 18.66 33.98 -36.22
CA LYS A 84 18.85 32.70 -36.90
C LYS A 84 19.38 31.64 -35.93
N VAL A 85 18.82 30.38 -35.97
CA VAL A 85 19.36 29.34 -35.07
C VAL A 85 20.62 28.85 -35.73
N VAL A 86 21.68 28.70 -34.94
CA VAL A 86 22.96 28.27 -35.51
C VAL A 86 23.56 27.12 -34.72
N ASP A 87 24.55 26.49 -35.31
CA ASP A 87 25.25 25.38 -34.67
C ASP A 87 26.54 25.91 -33.95
N TYR A 88 26.78 27.23 -33.94
CA TYR A 88 28.08 27.68 -33.45
C TYR A 88 28.07 28.72 -32.39
N LYS A 89 29.24 28.82 -31.73
CA LYS A 89 29.43 29.82 -30.69
C LYS A 89 30.80 30.50 -30.88
N ILE A 90 30.87 31.78 -30.55
CA ILE A 90 32.11 32.51 -30.73
C ILE A 90 32.90 32.45 -29.44
N GLU A 91 34.10 31.85 -29.50
CA GLU A 91 34.93 31.78 -28.30
C GLU A 91 36.12 32.74 -28.37
N ASN A 92 36.41 33.41 -27.25
CA ASN A 92 37.50 34.38 -27.18
C ASN A 92 38.65 33.96 -26.28
N TYR A 93 39.88 34.32 -26.68
CA TYR A 93 41.05 34.02 -25.87
C TYR A 93 40.83 34.58 -24.45
N LYS A 94 41.04 33.80 -23.41
CA LYS A 94 40.76 34.30 -22.05
C LYS A 94 42.01 34.80 -21.27
N THR A 95 43.21 34.37 -21.67
CA THR A 95 44.48 34.84 -21.07
C THR A 95 45.55 34.94 -22.19
N ALA A 96 46.64 35.72 -21.95
CA ALA A 96 47.74 35.87 -22.92
C ALA A 96 48.29 34.53 -23.31
N GLN A 97 48.43 33.66 -22.34
CA GLN A 97 48.98 32.33 -22.54
C GLN A 97 48.02 31.40 -23.41
N GLU A 98 46.71 31.65 -23.46
CA GLU A 98 45.85 30.84 -24.32
C GLU A 98 46.31 31.11 -25.75
N ILE A 99 46.51 32.38 -26.09
CA ILE A 99 46.97 32.75 -27.42
C ILE A 99 48.24 31.99 -27.85
N VAL A 100 49.25 31.89 -26.97
CA VAL A 100 50.51 31.27 -27.41
C VAL A 100 50.33 29.79 -27.48
N ASP A 101 49.37 29.28 -26.72
CA ASP A 101 49.07 27.84 -26.70
C ASP A 101 48.55 27.44 -28.08
N ALA A 102 47.63 28.24 -28.66
CA ALA A 102 47.07 27.99 -29.97
C ALA A 102 48.14 27.99 -31.05
N VAL A 103 49.03 28.99 -31.00
CA VAL A 103 50.13 29.10 -31.96
C VAL A 103 51.00 27.84 -31.93
N ASN A 104 51.22 27.30 -30.72
CA ASN A 104 52.02 26.09 -30.53
C ASN A 104 51.39 24.90 -31.24
N ALA A 105 50.06 24.76 -31.17
CA ALA A 105 49.37 23.64 -31.82
C ALA A 105 49.43 23.76 -33.35
N TYR A 106 49.23 24.97 -33.88
CA TYR A 106 49.27 25.17 -35.32
C TYR A 106 50.65 24.81 -35.86
N ASN A 107 51.69 25.21 -35.13
CA ASN A 107 53.08 24.99 -35.51
C ASN A 107 53.50 23.52 -35.48
N ALA A 108 53.10 22.79 -34.44
CA ALA A 108 53.52 21.40 -34.31
C ALA A 108 52.41 20.41 -34.63
N THR A 109 51.23 20.57 -34.02
CA THR A 109 50.12 19.66 -34.26
C THR A 109 49.66 19.73 -35.71
N LEU A 110 49.81 20.89 -36.36
CA LEU A 110 49.40 21.02 -37.76
C LEU A 110 50.55 21.01 -38.78
N ALA A 111 51.41 22.02 -38.74
CA ALA A 111 52.51 22.21 -39.69
C ALA A 111 53.59 21.14 -39.71
N GLU A 112 54.43 21.07 -38.65
CA GLU A 112 55.56 20.14 -38.53
C GLU A 112 56.72 20.67 -39.39
N ASP A 113 57.98 20.34 -39.01
CA ASP A 113 59.16 20.81 -39.74
C ASP A 113 59.22 22.34 -39.73
N SER A 114 59.55 23.00 -40.86
CA SER A 114 59.59 24.46 -40.86
C SER A 114 59.46 25.07 -42.25
N ASP A 115 58.62 26.13 -42.35
CA ASP A 115 58.36 26.89 -43.57
C ASP A 115 57.30 27.92 -43.26
N ASN A 116 56.17 27.46 -42.71
CA ASN A 116 55.06 28.34 -42.34
C ASN A 116 55.03 28.57 -40.83
N LYS A 117 56.10 28.15 -40.13
CA LYS A 117 56.21 28.28 -38.67
C LYS A 117 56.06 29.72 -38.21
N LEU A 118 55.24 29.92 -37.19
CA LEU A 118 54.97 31.24 -36.62
C LEU A 118 55.62 31.37 -35.25
N THR A 119 55.62 32.60 -34.72
CA THR A 119 56.21 32.87 -33.41
C THR A 119 55.40 33.93 -32.68
N ALA A 120 55.16 33.70 -31.39
CA ALA A 120 54.40 34.63 -30.56
C ALA A 120 55.18 35.03 -29.31
N THR A 121 55.06 36.30 -28.92
CA THR A 121 55.71 36.86 -27.75
C THR A 121 54.73 37.60 -26.87
N ILE A 122 54.63 37.24 -25.57
CA ILE A 122 53.74 37.98 -24.69
C ILE A 122 54.38 39.37 -24.53
N LYS A 123 53.59 40.43 -24.67
CA LYS A 123 54.05 41.79 -24.64
C LYS A 123 53.54 42.54 -23.42
N SER A 124 52.54 42.00 -22.77
CA SER A 124 51.90 42.56 -21.57
C SER A 124 50.93 41.49 -21.03
N THR A 125 50.26 41.73 -19.91
CA THR A 125 49.32 40.79 -19.35
C THR A 125 48.12 40.49 -20.29
N ASN A 126 47.79 41.33 -21.31
CA ASN A 126 46.65 40.95 -22.13
C ASN A 126 46.85 41.18 -23.61
N THR A 127 48.12 41.13 -24.08
CA THR A 127 48.47 41.27 -25.51
C THR A 127 49.61 40.35 -25.84
N VAL A 128 49.54 39.71 -27.01
CA VAL A 128 50.54 38.81 -27.54
C VAL A 128 50.75 39.17 -29.03
N GLU A 129 51.98 39.25 -29.44
CA GLU A 129 52.34 39.60 -30.81
C GLU A 129 52.57 38.33 -31.60
N VAL A 130 52.02 38.25 -32.80
CA VAL A 130 52.19 37.05 -33.63
C VAL A 130 52.73 37.44 -34.99
N LYS A 131 53.78 36.75 -35.44
CA LYS A 131 54.44 37.01 -36.72
C LYS A 131 55.12 35.72 -37.18
N ARG A 132 55.88 35.76 -38.27
CA ARG A 132 56.55 34.54 -38.72
C ARG A 132 57.97 34.45 -38.16
N ALA A 133 58.51 33.23 -38.07
CA ALA A 133 59.85 32.99 -37.53
C ALA A 133 60.97 33.39 -38.51
N LYS A 134 60.73 33.28 -39.82
CA LYS A 134 61.78 33.61 -40.79
C LYS A 134 61.79 35.09 -41.14
N ASP A 135 60.73 35.56 -41.80
CA ASP A 135 60.64 36.96 -42.22
C ASP A 135 60.26 37.89 -41.08
N SER A 136 59.74 37.35 -39.98
CA SER A 136 59.30 38.14 -38.83
C SER A 136 58.33 39.23 -39.29
N ALA A 137 57.58 38.96 -40.35
CA ALA A 137 56.62 39.90 -40.92
C ALA A 137 55.19 39.44 -40.68
N ASN A 138 54.21 40.24 -41.13
CA ASN A 138 52.78 39.95 -40.98
C ASN A 138 52.52 39.81 -39.49
N VAL A 139 52.70 40.94 -38.81
CA VAL A 139 52.57 41.03 -37.36
C VAL A 139 51.20 41.50 -36.90
N ILE A 140 50.63 40.76 -35.94
CA ILE A 140 49.34 41.12 -35.39
C ILE A 140 49.45 41.10 -33.86
N THR A 141 48.65 41.93 -33.20
CA THR A 141 48.61 41.91 -31.76
C THR A 141 47.20 41.47 -31.32
N LEU A 142 47.12 40.28 -30.74
CA LEU A 142 45.88 39.78 -30.21
C LEU A 142 45.69 40.21 -28.74
N ASN A 143 44.49 40.60 -28.38
CA ASN A 143 44.20 40.95 -26.99
C ASN A 143 43.32 39.89 -26.34
N VAL A 144 43.39 39.76 -25.00
CA VAL A 144 42.54 38.84 -24.29
C VAL A 144 41.12 39.33 -24.57
N GLY A 145 40.18 38.44 -24.93
CA GLY A 145 38.83 38.91 -25.21
C GLY A 145 38.53 38.98 -26.69
N ASP A 146 39.54 38.71 -27.52
CA ASP A 146 39.44 38.67 -28.97
C ASP A 146 39.02 37.25 -29.41
N GLN A 147 38.26 37.13 -30.52
CA GLN A 147 37.81 35.85 -31.02
C GLN A 147 38.97 34.99 -31.45
N HIS A 148 38.82 33.69 -31.27
CA HIS A 148 39.80 32.69 -31.67
C HIS A 148 40.02 32.79 -33.18
N LEU A 149 41.22 32.54 -33.64
CA LEU A 149 41.56 32.63 -35.06
C LEU A 149 42.13 31.34 -35.57
N ASP A 150 42.01 31.10 -36.89
CA ASP A 150 42.54 29.92 -37.55
C ASP A 150 43.78 30.35 -38.30
N PHE A 151 44.97 29.96 -37.84
CA PHE A 151 46.21 30.38 -38.47
C PHE A 151 46.45 29.67 -39.81
N SER A 152 45.53 28.79 -40.22
CA SER A 152 45.68 28.08 -41.49
C SER A 152 44.97 28.87 -42.58
N LYS A 153 44.14 29.84 -42.18
CA LYS A 153 43.39 30.67 -43.10
C LYS A 153 43.96 32.09 -43.15
N VAL A 154 44.96 32.30 -44.00
CA VAL A 154 45.58 33.60 -44.20
C VAL A 154 44.67 34.43 -45.09
N ILE A 155 44.50 35.71 -44.78
CA ILE A 155 43.63 36.56 -45.60
C ILE A 155 44.47 37.42 -46.54
N THR A 156 45.04 36.80 -47.58
CA THR A 156 45.84 37.55 -48.54
C THR A 156 44.90 38.23 -49.48
N SER A 157 44.61 39.49 -49.19
CA SER A 157 43.70 40.23 -50.06
C SER A 157 44.59 40.83 -51.12
N GLU A 158 44.26 40.56 -52.39
CA GLU A 158 45.06 41.00 -53.53
C GLU A 158 44.97 42.48 -53.91
N GLU A 159 44.71 43.38 -52.97
CA GLU A 159 44.77 44.80 -53.27
C GLU A 159 46.27 45.06 -53.16
N GLY A 160 47.01 44.43 -54.07
CA GLY A 160 48.47 44.43 -54.04
C GLY A 160 48.70 42.99 -53.61
N THR A 161 48.93 42.78 -52.31
CA THR A 161 49.11 41.48 -51.67
C THR A 161 49.48 41.66 -50.20
N PHE A 162 48.53 41.41 -49.29
CA PHE A 162 48.82 41.53 -47.86
C PHE A 162 48.42 40.29 -47.08
N GLU A 163 48.64 40.35 -45.76
CA GLU A 163 48.41 39.26 -44.82
C GLU A 163 47.03 39.34 -44.16
N GLY A 164 46.91 38.75 -42.96
CA GLY A 164 45.65 38.74 -42.24
C GLY A 164 45.39 37.34 -41.72
N TYR A 165 44.41 37.21 -40.83
CA TYR A 165 44.06 35.90 -40.26
C TYR A 165 42.56 35.78 -40.08
N GLU A 166 42.01 34.58 -40.33
CA GLU A 166 40.57 34.34 -40.22
C GLU A 166 40.17 33.86 -38.82
N LYS A 167 38.88 33.90 -38.51
CA LYS A 167 38.34 33.49 -37.20
C LYS A 167 37.86 32.03 -37.15
N ARG A 168 37.81 31.46 -35.93
CA ARG A 168 37.41 30.09 -35.64
C ARG A 168 36.11 30.09 -34.87
N TYR A 169 34.99 29.95 -35.58
CA TYR A 169 33.72 29.87 -34.89
C TYR A 169 33.73 28.45 -34.34
N SER A 170 33.28 28.20 -33.13
CA SER A 170 33.36 26.83 -32.63
C SER A 170 31.99 26.14 -32.48
N ASP A 171 32.03 24.83 -32.29
CA ASP A 171 30.81 24.05 -32.16
C ASP A 171 30.18 24.11 -30.78
N ILE A 172 28.88 24.15 -30.77
CA ILE A 172 28.14 24.13 -29.53
C ILE A 172 27.93 22.66 -29.28
N ASP A 173 28.65 22.06 -28.31
CA ASP A 173 28.56 20.62 -28.04
C ASP A 173 27.15 20.10 -27.78
N SER A 174 26.90 18.83 -28.13
CA SER A 174 25.59 18.28 -27.88
C SER A 174 25.31 18.37 -26.39
N LYS A 175 24.06 18.54 -26.05
CA LYS A 175 23.65 18.63 -24.68
C LYS A 175 23.32 17.24 -24.22
N GLU A 176 22.42 17.07 -23.26
CA GLU A 176 22.24 15.72 -22.77
C GLU A 176 21.02 14.95 -23.23
N LEU A 177 21.26 13.69 -23.58
CA LEU A 177 20.29 12.66 -24.01
C LEU A 177 19.17 12.47 -22.98
N HIS A 178 17.90 12.90 -23.28
CA HIS A 178 16.75 12.68 -22.38
C HIS A 178 15.92 11.48 -22.93
N THR A 179 15.33 10.64 -22.06
CA THR A 179 14.63 9.47 -22.49
C THR A 179 13.30 9.42 -21.95
N VAL A 180 12.36 9.13 -22.83
CA VAL A 180 11.03 9.04 -22.37
C VAL A 180 10.62 7.63 -22.70
N THR A 181 10.13 6.94 -21.75
CA THR A 181 9.77 5.56 -22.02
C THR A 181 8.36 5.58 -22.16
N VAL A 182 7.82 4.88 -23.17
CA VAL A 182 6.38 4.86 -23.37
C VAL A 182 5.93 3.45 -23.20
N LYS A 183 4.90 3.24 -22.33
CA LYS A 183 4.44 1.88 -22.01
C LYS A 183 3.00 1.66 -22.23
N ASN A 184 2.63 0.54 -22.85
CA ASN A 184 1.20 0.31 -22.91
C ASN A 184 0.86 -0.44 -21.56
N ALA A 185 0.47 0.34 -20.56
CA ALA A 185 0.17 -0.15 -19.22
C ALA A 185 -0.47 0.95 -18.43
N ASP A 186 -1.02 0.61 -17.26
CA ASP A 186 -1.67 1.57 -16.37
C ASP A 186 -0.67 1.96 -15.34
N LEU A 187 -0.36 3.25 -15.20
CA LEU A 187 0.68 3.69 -14.29
C LEU A 187 0.14 4.64 -13.21
N GLN A 188 0.76 4.59 -12.01
CA GLN A 188 0.35 5.43 -10.92
C GLN A 188 1.58 5.95 -10.22
N ASP A 189 1.52 7.16 -9.77
CA ASP A 189 2.60 7.78 -9.00
C ASP A 189 2.02 8.20 -7.65
N ILE A 190 2.26 7.46 -6.56
CA ILE A 190 1.63 7.81 -5.28
C ILE A 190 2.59 7.80 -4.08
N SER A 191 2.21 8.48 -3.03
CA SER A 191 3.06 8.43 -1.86
C SER A 191 2.94 6.98 -1.25
N ALA A 192 3.90 6.56 -0.43
CA ALA A 192 3.87 5.25 0.19
C ALA A 192 2.76 5.23 1.24
N GLU A 193 2.48 6.41 1.88
CA GLU A 193 1.49 6.52 2.92
C GLU A 193 0.07 6.12 2.45
N GLU A 194 -0.31 6.47 1.21
CA GLU A 194 -1.59 6.16 0.62
C GLU A 194 -1.83 4.66 0.68
N LEU A 195 -0.74 3.88 0.62
CA LEU A 195 -0.83 2.42 0.67
C LEU A 195 -0.60 1.73 2.11
N PHE A 196 0.08 2.40 3.02
CA PHE A 196 0.51 1.77 4.24
C PHE A 196 0.79 2.85 5.21
N ASP A 197 0.24 2.76 6.45
CA ASP A 197 0.40 3.86 7.42
C ASP A 197 1.62 3.76 8.34
N GLY A 198 2.47 2.77 8.18
CA GLY A 198 3.52 2.53 9.17
C GLY A 198 3.50 1.06 9.68
N ILE A 199 2.30 0.47 9.84
CA ILE A 199 2.21 -0.91 10.32
C ILE A 199 1.04 -1.69 9.63
N ARG A 200 0.01 -1.02 9.16
CA ARG A 200 -1.06 -1.68 8.46
C ARG A 200 -1.21 -1.22 7.00
N LEU A 201 -1.57 -2.10 6.11
CA LEU A 201 -1.89 -1.60 4.78
C LEU A 201 -3.19 -0.76 4.86
N THR A 202 -3.43 0.13 3.88
CA THR A 202 -4.67 0.95 3.91
C THR A 202 -5.65 0.16 3.03
N THR A 203 -6.90 0.62 2.88
CA THR A 203 -7.83 0.01 1.91
C THR A 203 -7.15 0.06 0.49
N LEU A 204 -6.45 1.15 0.13
CA LEU A 204 -5.84 1.19 -1.23
C LEU A 204 -4.74 0.12 -1.24
N GLY A 205 -4.02 0.00 -0.05
CA GLY A 205 -2.99 -1.00 0.10
C GLY A 205 -3.53 -2.38 -0.16
N ARG A 206 -4.76 -2.72 0.42
CA ARG A 206 -5.30 -4.09 0.23
C ARG A 206 -5.84 -4.43 -1.19
N GLU A 207 -6.16 -3.40 -1.96
CA GLU A 207 -6.55 -3.64 -3.34
C GLU A 207 -5.39 -4.36 -4.06
N ILE A 208 -4.16 -4.03 -3.73
CA ILE A 208 -3.03 -4.70 -4.40
C ILE A 208 -3.01 -6.17 -3.96
N VAL A 209 -3.15 -6.41 -2.65
CA VAL A 209 -3.20 -7.77 -2.11
C VAL A 209 -4.29 -8.53 -2.81
N ASN A 210 -5.48 -7.91 -3.02
CA ASN A 210 -6.61 -8.57 -3.72
C ASN A 210 -6.26 -8.90 -5.21
N LYS A 211 -5.52 -8.00 -5.90
CA LYS A 211 -5.18 -8.29 -7.30
C LYS A 211 -4.25 -9.50 -7.37
N VAL A 212 -3.29 -9.64 -6.44
CA VAL A 212 -2.37 -10.78 -6.49
C VAL A 212 -3.17 -12.08 -6.39
N LYS A 213 -4.02 -12.21 -5.36
CA LYS A 213 -4.85 -13.41 -5.22
C LYS A 213 -5.68 -13.63 -6.52
N ASN A 214 -5.90 -12.58 -7.31
CA ASN A 214 -6.65 -12.70 -8.55
C ASN A 214 -5.74 -13.03 -9.73
N GLY A 215 -4.62 -13.75 -9.47
CA GLY A 215 -3.75 -14.20 -10.54
C GLY A 215 -2.70 -13.21 -10.97
N TYR A 216 -2.58 -12.09 -10.26
CA TYR A 216 -1.57 -11.14 -10.64
C TYR A 216 -0.30 -11.47 -9.92
N ALA A 217 0.80 -11.52 -10.66
CA ALA A 217 2.08 -11.77 -10.07
C ALA A 217 2.53 -10.40 -9.67
N LEU A 218 3.25 -10.30 -8.57
CA LEU A 218 3.73 -9.02 -8.12
C LEU A 218 5.20 -9.04 -8.33
N THR A 219 5.73 -8.00 -8.91
CA THR A 219 7.16 -7.95 -9.19
C THR A 219 7.60 -6.58 -8.84
N PHE A 220 8.89 -6.43 -8.55
CA PHE A 220 9.39 -5.11 -8.15
C PHE A 220 10.31 -4.53 -9.22
N GLU A 221 10.53 -3.22 -9.18
CA GLU A 221 11.41 -2.58 -10.15
C GLU A 221 11.85 -1.25 -9.62
N ASN A 222 12.89 -0.68 -10.23
CA ASN A 222 13.49 0.61 -9.90
C ASN A 222 13.60 0.81 -8.40
N GLU A 223 14.04 -0.25 -7.70
CA GLU A 223 14.20 -0.20 -6.25
C GLU A 223 15.36 0.73 -5.85
N ALA A 224 15.03 1.86 -5.22
CA ALA A 224 15.98 2.86 -4.77
C ALA A 224 15.71 3.14 -3.29
N ILE A 225 15.72 2.08 -2.50
CA ILE A 225 15.47 2.18 -1.06
C ILE A 225 16.81 2.20 -0.32
N LEU A 226 16.98 3.14 0.61
CA LEU A 226 18.23 3.26 1.36
C LEU A 226 18.18 2.52 2.69
N THR A 227 19.25 1.78 3.01
CA THR A 227 19.34 1.05 4.27
C THR A 227 19.52 2.04 5.41
N GLN A 228 19.18 1.63 6.63
CA GLN A 228 19.32 2.50 7.80
C GLN A 228 20.74 3.06 7.91
N GLU A 229 21.76 2.39 7.37
CA GLU A 229 23.13 2.90 7.44
C GLU A 229 23.32 4.07 6.49
N GLN A 230 22.68 4.02 5.31
CA GLN A 230 22.79 5.10 4.33
C GLN A 230 22.07 6.33 4.86
N GLU A 231 21.15 6.12 5.80
CA GLU A 231 20.36 7.16 6.45
C GLU A 231 21.02 7.52 7.78
N ASP A 232 21.74 6.56 8.37
CA ASP A 232 22.43 6.73 9.65
C ASP A 232 23.58 7.70 9.46
N SER A 233 24.46 7.39 8.52
CA SER A 233 25.59 8.24 8.22
C SER A 233 25.13 9.41 7.36
N ASP A 234 24.70 10.51 7.99
CA ASP A 234 24.26 11.71 7.28
C ASP A 234 25.49 12.33 6.59
N ASP A 235 25.98 11.62 5.57
CA ASP A 235 27.14 11.97 4.76
C ASP A 235 26.79 12.99 3.69
N LYS A 236 25.57 13.57 3.77
CA LYS A 236 25.09 14.54 2.79
C LYS A 236 25.00 13.83 1.43
N ASP A 237 24.73 14.56 0.33
CA ASP A 237 24.64 13.95 -1.00
C ASP A 237 23.76 12.68 -0.98
N LYS A 238 22.53 12.80 -0.46
CA LYS A 238 21.63 11.65 -0.40
C LYS A 238 20.21 12.07 -0.74
N PRO A 239 19.44 11.24 -1.46
CA PRO A 239 18.05 11.63 -1.80
C PRO A 239 17.19 11.90 -0.57
N GLU A 240 16.03 12.53 -0.79
CA GLU A 240 15.09 12.86 0.29
C GLU A 240 13.81 12.02 0.14
N LYS A 241 13.89 10.92 -0.61
CA LYS A 241 12.74 10.06 -0.85
C LYS A 241 13.21 8.66 -1.20
N SER A 242 12.52 7.63 -0.68
CA SER A 242 12.84 6.24 -0.99
C SER A 242 11.86 5.83 -2.05
N SER A 243 12.21 4.92 -2.95
CA SER A 243 11.23 4.63 -3.94
C SER A 243 11.35 3.26 -4.51
N PHE A 244 10.28 2.86 -5.16
CA PHE A 244 10.26 1.62 -5.87
C PHE A 244 9.02 1.53 -6.63
N ASP A 245 9.05 0.61 -7.54
CA ASP A 245 7.96 0.34 -8.47
C ASP A 245 7.41 -1.02 -8.15
N ILE A 246 6.08 -1.11 -8.22
CA ILE A 246 5.32 -2.31 -7.96
C ILE A 246 4.65 -2.62 -9.26
N VAL A 247 4.79 -3.84 -9.80
CA VAL A 247 4.19 -4.20 -11.07
C VAL A 247 3.27 -5.38 -10.93
N LEU A 248 2.03 -5.25 -11.39
CA LEU A 248 1.07 -6.34 -11.32
C LEU A 248 0.82 -6.81 -12.73
N SER A 249 0.90 -8.13 -12.99
CA SER A 249 0.68 -8.67 -14.33
C SER A 249 -0.07 -10.00 -14.33
N LYS A 250 -0.73 -10.26 -15.45
CA LYS A 250 -1.49 -11.48 -15.70
C LYS A 250 -1.60 -11.72 -17.20
N ALA A 251 -1.73 -12.99 -17.64
CA ALA A 251 -1.84 -13.30 -19.07
C ALA A 251 -3.08 -12.66 -19.66
N ASN A 252 -2.98 -12.19 -20.91
CA ASN A 252 -4.10 -11.54 -21.60
C ASN A 252 -4.54 -10.26 -20.90
N GLU A 253 -3.85 -9.87 -19.82
CA GLU A 253 -4.24 -8.67 -19.11
C GLU A 253 -3.17 -7.60 -19.23
N LYS A 254 -3.60 -6.35 -19.20
CA LYS A 254 -2.72 -5.19 -19.31
C LYS A 254 -2.03 -5.01 -17.95
N PRO A 255 -0.70 -5.02 -17.86
CA PRO A 255 -0.10 -4.85 -16.55
C PRO A 255 -0.40 -3.50 -15.95
N GLU A 256 0.09 -3.30 -14.73
CA GLU A 256 -0.10 -2.06 -14.04
C GLU A 256 1.13 -1.81 -13.26
N THR A 257 1.62 -0.60 -13.30
CA THR A 257 2.83 -0.28 -12.55
C THR A 257 2.54 0.86 -11.60
N ILE A 258 2.85 0.69 -10.27
CA ILE A 258 2.63 1.75 -9.28
C ILE A 258 3.93 2.17 -8.63
N SER A 259 4.29 3.43 -8.78
CA SER A 259 5.54 4.02 -8.27
C SER A 259 5.26 4.68 -6.94
N VAL A 260 6.00 4.29 -5.89
CA VAL A 260 5.74 4.91 -4.61
C VAL A 260 7.00 5.47 -4.01
N SER A 261 6.85 6.47 -3.20
CA SER A 261 7.98 7.12 -2.61
C SER A 261 7.52 7.85 -1.42
N SER A 262 8.43 8.27 -0.55
CA SER A 262 8.07 9.06 0.62
C SER A 262 9.28 9.68 1.27
N LYS A 263 9.10 10.72 2.09
CA LYS A 263 10.21 11.28 2.82
C LYS A 263 10.52 10.35 4.01
N ASN A 264 9.66 9.33 4.23
CA ASN A 264 9.77 8.35 5.33
C ASN A 264 10.45 7.06 4.86
N HIS A 265 11.77 7.00 4.95
CA HIS A 265 12.52 5.83 4.51
C HIS A 265 12.13 4.54 5.24
N LYS A 266 11.82 4.63 6.53
CA LYS A 266 11.43 3.38 7.21
C LYS A 266 10.08 2.90 6.65
N LEU A 267 9.07 3.78 6.56
CA LEU A 267 7.78 3.44 5.94
C LEU A 267 7.99 2.60 4.67
N VAL A 268 8.87 3.12 3.75
CA VAL A 268 9.11 2.46 2.48
C VAL A 268 9.78 1.14 2.61
N ARG A 269 10.80 1.08 3.48
CA ARG A 269 11.49 -0.21 3.65
C ARG A 269 10.43 -1.22 4.22
N ASP A 270 9.67 -0.76 5.21
CA ASP A 270 8.65 -1.59 5.89
C ASP A 270 7.59 -2.07 4.91
N LEU A 271 7.07 -1.10 4.11
CA LEU A 271 6.08 -1.43 3.11
C LEU A 271 6.64 -2.39 2.12
N HIS A 272 7.91 -2.17 1.73
CA HIS A 272 8.51 -3.11 0.72
C HIS A 272 8.62 -4.49 1.37
N LYS A 273 9.03 -4.56 2.65
CA LYS A 273 8.98 -5.89 3.39
C LYS A 273 7.57 -6.58 3.30
N VAL A 274 6.46 -5.77 3.56
CA VAL A 274 5.10 -6.41 3.49
C VAL A 274 4.78 -6.84 2.15
N LEU A 275 5.21 -6.01 1.14
CA LEU A 275 4.88 -6.48 -0.23
C LEU A 275 5.67 -7.73 -0.64
N THR A 276 6.87 -7.91 -0.07
CA THR A 276 7.68 -9.14 -0.41
C THR A 276 6.87 -10.24 0.13
N ASP A 277 6.38 -10.06 1.40
CA ASP A 277 5.49 -11.08 1.94
C ASP A 277 4.31 -11.34 1.03
N VAL A 278 3.60 -10.26 0.55
CA VAL A 278 2.47 -10.49 -0.36
C VAL A 278 2.96 -11.21 -1.65
N LYS A 279 4.10 -10.79 -2.20
CA LYS A 279 4.50 -11.48 -3.45
C LYS A 279 4.89 -12.94 -3.15
N ASP A 280 5.60 -13.17 -2.02
CA ASP A 280 6.01 -14.54 -1.71
C ASP A 280 4.80 -15.36 -1.26
N GLY A 281 3.66 -14.68 -1.01
CA GLY A 281 2.50 -15.41 -0.56
C GLY A 281 2.64 -15.77 0.92
N LYS A 282 3.57 -15.10 1.62
CA LYS A 282 3.78 -15.31 3.05
C LYS A 282 2.90 -14.36 3.92
N GLU A 283 2.05 -15.00 4.76
CA GLU A 283 1.12 -14.43 5.72
C GLU A 283 1.70 -13.19 6.31
N LEU A 284 0.97 -12.06 6.34
CA LEU A 284 1.58 -10.84 6.89
C LEU A 284 1.62 -10.88 8.40
N LYS A 285 2.48 -10.00 8.99
CA LYS A 285 2.58 -9.87 10.40
C LYS A 285 1.30 -9.03 10.95
N VAL A 286 0.79 -8.07 10.18
CA VAL A 286 -0.37 -7.25 10.59
C VAL A 286 -1.30 -7.20 9.42
N GLU A 287 -2.46 -7.74 9.65
CA GLU A 287 -3.53 -7.82 8.61
C GLU A 287 -4.82 -7.09 9.18
N VAL A 288 -5.54 -6.35 8.34
CA VAL A 288 -6.80 -5.69 8.68
C VAL A 288 -7.93 -6.44 7.84
N LEU A 289 -8.98 -6.88 8.54
CA LEU A 289 -10.13 -7.47 7.92
C LEU A 289 -11.25 -6.35 8.12
N SER A 290 -11.62 -5.52 7.12
CA SER A 290 -12.68 -4.57 7.36
C SER A 290 -13.24 -4.04 6.13
N GLY A 291 -14.40 -3.22 6.26
CA GLY A 291 -14.98 -2.58 5.10
C GLY A 291 -15.46 -1.23 5.61
N ASP A 292 -16.26 -0.58 4.76
CA ASP A 292 -16.79 0.76 5.04
C ASP A 292 -17.89 0.70 6.06
N SER A 293 -18.39 -0.53 6.44
CA SER A 293 -19.45 -0.52 7.48
C SER A 293 -19.42 -1.86 8.23
N ARG A 294 -20.21 -2.02 9.27
CA ARG A 294 -20.31 -3.29 10.01
C ARG A 294 -20.75 -4.43 9.09
N PHE A 295 -21.64 -4.14 8.13
CA PHE A 295 -22.03 -5.16 7.08
C PHE A 295 -20.84 -5.60 6.22
N THR A 296 -19.99 -4.64 5.69
CA THR A 296 -18.88 -5.10 4.80
C THR A 296 -17.70 -5.70 5.64
N THR A 297 -17.50 -5.19 6.88
CA THR A 297 -16.52 -5.88 7.77
C THR A 297 -17.02 -7.29 8.00
N ALA A 298 -18.32 -7.50 8.28
CA ALA A 298 -18.87 -8.88 8.53
C ALA A 298 -18.63 -9.83 7.31
N VAL A 299 -18.79 -9.29 6.07
CA VAL A 299 -18.42 -10.07 4.87
C VAL A 299 -16.92 -10.40 4.85
N GLU A 300 -16.04 -9.40 5.17
CA GLU A 300 -14.59 -9.69 5.16
C GLU A 300 -14.22 -10.75 6.19
N VAL A 301 -14.88 -10.81 7.37
CA VAL A 301 -14.61 -11.92 8.29
C VAL A 301 -15.08 -13.23 7.61
N SER A 302 -16.27 -13.21 6.99
CA SER A 302 -16.79 -14.40 6.32
C SER A 302 -15.82 -14.86 5.21
N LYS A 303 -15.28 -13.93 4.41
CA LYS A 303 -14.30 -14.38 3.42
C LYS A 303 -13.06 -15.02 4.05
N GLU A 304 -12.69 -14.59 5.28
CA GLU A 304 -11.54 -15.17 5.88
C GLU A 304 -11.88 -16.55 6.36
N ARG A 305 -13.09 -16.74 6.89
CA ARG A 305 -13.48 -18.02 7.40
C ARG A 305 -13.85 -19.05 6.32
N PHE A 306 -14.48 -18.63 5.20
CA PHE A 306 -14.89 -19.65 4.23
C PHE A 306 -14.60 -19.41 2.76
N LYS A 307 -14.08 -20.47 2.13
CA LYS A 307 -13.87 -20.51 0.70
C LYS A 307 -15.28 -20.64 0.10
N ASP A 308 -15.46 -20.33 -1.19
CA ASP A 308 -16.82 -20.41 -1.81
C ASP A 308 -17.51 -21.69 -1.51
N GLY A 309 -18.81 -21.61 -1.15
CA GLY A 309 -19.60 -22.79 -0.85
C GLY A 309 -19.18 -23.67 0.31
N GLU A 310 -18.26 -23.21 1.13
CA GLU A 310 -17.78 -24.05 2.24
C GLU A 310 -18.57 -23.84 3.55
N ALA A 311 -19.50 -22.85 3.63
CA ALA A 311 -20.25 -22.71 4.88
C ALA A 311 -21.45 -23.72 4.92
N GLU A 312 -21.72 -24.29 6.12
CA GLU A 312 -22.77 -25.23 6.23
C GLU A 312 -24.02 -24.57 6.63
N ALA A 313 -23.92 -23.30 7.01
CA ALA A 313 -25.11 -22.58 7.45
C ALA A 313 -24.86 -21.09 7.52
N ILE A 314 -25.90 -20.31 7.88
CA ILE A 314 -25.83 -18.85 8.01
C ILE A 314 -26.42 -18.54 9.44
N ILE A 315 -25.74 -17.67 10.23
CA ILE A 315 -26.28 -17.17 11.45
C ILE A 315 -26.53 -15.74 11.06
N LEU A 316 -27.76 -15.26 11.21
CA LEU A 316 -28.13 -13.89 10.85
C LEU A 316 -28.66 -13.15 12.12
N VAL A 317 -28.02 -12.01 12.53
CA VAL A 317 -28.50 -11.36 13.76
C VAL A 317 -28.89 -9.94 13.39
N GLY A 318 -29.57 -9.17 14.27
CA GLY A 318 -29.86 -7.77 13.94
C GLY A 318 -28.55 -6.98 14.02
N GLU A 319 -28.40 -5.97 13.16
CA GLU A 319 -27.20 -5.15 13.09
C GLU A 319 -26.72 -4.55 14.39
N ASP A 320 -27.62 -4.35 15.34
CA ASP A 320 -27.32 -3.74 16.63
C ASP A 320 -27.48 -4.74 17.81
N ALA A 321 -27.82 -5.98 17.51
CA ALA A 321 -28.08 -7.03 18.51
C ALA A 321 -26.81 -7.62 19.08
N ILE A 322 -26.17 -6.84 19.90
CA ILE A 322 -24.90 -7.24 20.49
C ILE A 322 -25.06 -8.46 21.34
N VAL A 323 -26.10 -8.51 22.22
CA VAL A 323 -26.15 -9.72 23.07
C VAL A 323 -26.46 -11.00 22.29
N ASP A 324 -27.40 -10.97 21.34
CA ASP A 324 -27.73 -12.18 20.60
C ASP A 324 -26.51 -12.57 19.80
N GLY A 325 -25.82 -11.58 19.25
CA GLY A 325 -24.63 -11.85 18.48
C GLY A 325 -23.49 -12.46 19.27
N LEU A 326 -23.10 -11.88 20.41
CA LEU A 326 -21.94 -12.43 21.14
C LEU A 326 -22.29 -13.81 21.62
N ALA A 327 -23.58 -14.00 22.09
CA ALA A 327 -24.04 -15.35 22.51
C ALA A 327 -24.05 -16.30 21.28
N SER A 328 -24.18 -15.77 20.04
CA SER A 328 -24.18 -16.66 18.86
C SER A 328 -22.83 -17.23 18.43
N ALA A 329 -21.74 -16.94 19.16
CA ALA A 329 -20.42 -17.37 18.70
C ALA A 329 -20.23 -18.88 18.73
N PRO A 330 -20.53 -19.62 19.85
CA PRO A 330 -20.33 -21.09 19.80
C PRO A 330 -21.27 -21.69 18.77
N LEU A 331 -22.38 -21.02 18.42
CA LEU A 331 -23.34 -21.49 17.47
C LEU A 331 -22.77 -21.37 16.07
N ALA A 332 -22.23 -20.14 15.69
CA ALA A 332 -21.59 -19.98 14.38
C ALA A 332 -20.39 -20.93 14.28
N SER A 333 -19.69 -21.17 15.36
CA SER A 333 -18.52 -22.03 15.26
C SER A 333 -18.95 -23.48 15.08
N GLN A 334 -20.05 -23.86 15.78
CA GLN A 334 -20.51 -25.25 15.74
C GLN A 334 -21.12 -25.65 14.44
N LYS A 335 -22.03 -24.81 13.91
CA LYS A 335 -22.73 -25.03 12.64
C LYS A 335 -21.89 -24.52 11.47
N ASN A 336 -20.60 -24.17 11.73
CA ASN A 336 -19.66 -23.69 10.68
C ASN A 336 -20.36 -22.67 9.76
N ALA A 337 -20.88 -21.63 10.36
CA ALA A 337 -21.65 -20.59 9.67
C ALA A 337 -21.10 -19.23 9.98
N PRO A 338 -21.18 -18.24 9.09
CA PRO A 338 -20.64 -16.85 9.38
C PRO A 338 -21.67 -16.10 10.18
N ILE A 339 -21.26 -15.01 10.91
CA ILE A 339 -22.27 -14.31 11.60
C ILE A 339 -22.45 -13.12 10.70
N LEU A 340 -23.60 -13.02 10.09
CA LEU A 340 -23.77 -11.94 9.14
C LEU A 340 -24.85 -11.06 9.78
N LEU A 341 -25.12 -9.90 9.23
CA LEU A 341 -26.01 -8.98 9.89
C LEU A 341 -27.13 -8.51 8.97
N SER A 342 -28.33 -8.25 9.55
CA SER A 342 -29.44 -7.76 8.76
C SER A 342 -30.03 -6.49 9.36
N LYS A 343 -30.62 -5.66 8.51
CA LYS A 343 -31.37 -4.56 9.08
C LYS A 343 -32.68 -5.27 9.55
N LYS A 344 -33.47 -4.64 10.37
CA LYS A 344 -34.72 -5.22 10.80
C LYS A 344 -35.65 -5.29 9.60
N ASP A 345 -35.74 -4.20 8.82
CA ASP A 345 -36.64 -4.18 7.67
C ASP A 345 -36.02 -4.51 6.33
N SER A 346 -34.76 -5.03 6.29
CA SER A 346 -34.18 -5.42 5.00
C SER A 346 -32.85 -6.15 5.13
N LEU A 347 -32.40 -6.68 4.02
CA LEU A 347 -31.16 -7.41 3.90
C LEU A 347 -30.34 -6.62 2.91
N PRO A 348 -29.23 -5.98 3.34
CA PRO A 348 -28.39 -5.20 2.43
C PRO A 348 -27.86 -6.18 1.33
N SER A 349 -27.57 -5.73 0.09
CA SER A 349 -27.16 -6.61 -0.98
C SER A 349 -25.83 -7.29 -0.72
N GLU A 350 -24.95 -6.64 0.03
CA GLU A 350 -23.63 -7.16 0.35
C GLU A 350 -23.72 -8.41 1.12
N ILE A 351 -24.65 -8.48 2.05
CA ILE A 351 -24.89 -9.63 2.92
C ILE A 351 -25.62 -10.78 2.08
N GLU A 352 -26.60 -10.40 1.26
CA GLU A 352 -27.32 -11.38 0.45
C GLU A 352 -26.32 -12.03 -0.45
N ALA A 353 -25.47 -11.20 -1.10
CA ALA A 353 -24.40 -11.68 -1.97
C ALA A 353 -23.44 -12.59 -1.24
N GLU A 354 -23.13 -12.35 0.13
CA GLU A 354 -22.16 -13.24 0.84
C GLU A 354 -22.90 -14.50 1.20
N ILE A 355 -24.20 -14.39 1.51
CA ILE A 355 -24.98 -15.65 1.73
C ILE A 355 -24.80 -16.66 0.51
N LEU A 356 -24.96 -16.15 -0.70
CA LEU A 356 -24.85 -17.01 -1.90
C LEU A 356 -23.50 -17.60 -2.04
N ARG A 357 -22.49 -16.80 -1.82
CA ARG A 357 -21.11 -17.20 -1.97
C ARG A 357 -20.73 -18.29 -1.05
N VAL A 358 -21.12 -18.18 0.27
CA VAL A 358 -20.64 -19.23 1.18
C VAL A 358 -21.49 -20.48 1.18
N LEU A 359 -22.82 -20.39 0.86
CA LEU A 359 -23.68 -21.62 0.83
C LEU A 359 -23.40 -22.41 -0.45
N GLY A 360 -23.16 -21.70 -1.56
CA GLY A 360 -22.85 -22.37 -2.81
C GLY A 360 -24.01 -23.10 -3.45
N SER A 361 -23.71 -24.19 -4.21
CA SER A 361 -24.74 -24.88 -5.01
C SER A 361 -25.60 -25.79 -4.16
N ASN A 362 -25.05 -26.38 -3.10
CA ASN A 362 -25.82 -27.27 -2.29
C ASN A 362 -26.56 -26.54 -1.18
N LEU A 363 -26.98 -25.29 -1.39
CA LEU A 363 -27.67 -24.53 -0.33
C LEU A 363 -28.92 -25.31 0.12
N SER A 364 -29.46 -26.16 -0.79
CA SER A 364 -30.67 -26.95 -0.49
C SER A 364 -30.50 -27.84 0.75
N SER A 365 -29.28 -28.24 1.10
CA SER A 365 -29.12 -29.01 2.34
C SER A 365 -28.67 -28.12 3.54
N LYS A 366 -28.66 -26.76 3.40
CA LYS A 366 -28.21 -25.93 4.49
C LYS A 366 -29.30 -25.08 5.04
N LYS A 367 -29.02 -24.59 6.24
CA LYS A 367 -29.93 -23.75 6.98
C LYS A 367 -29.42 -22.31 7.28
N ILE A 368 -30.36 -21.43 7.46
CA ILE A 368 -30.20 -20.03 7.79
C ILE A 368 -30.95 -19.85 9.14
N TYR A 369 -30.19 -19.56 10.27
CA TYR A 369 -30.80 -19.30 11.52
C TYR A 369 -30.89 -17.79 11.70
N ILE A 370 -32.03 -17.26 12.06
CA ILE A 370 -32.18 -15.83 12.35
C ILE A 370 -32.24 -15.76 13.89
N VAL A 371 -31.24 -15.10 14.54
CA VAL A 371 -31.26 -14.99 16.00
C VAL A 371 -31.96 -13.69 16.41
N GLY A 372 -32.82 -13.73 17.44
CA GLY A 372 -33.50 -12.53 17.86
C GLY A 372 -34.94 -12.49 17.36
N GLY A 373 -35.72 -11.54 17.92
CA GLY A 373 -37.12 -11.42 17.53
C GLY A 373 -37.23 -10.62 16.26
N GLU A 374 -38.46 -10.33 15.85
CA GLU A 374 -38.75 -9.58 14.64
C GLU A 374 -38.41 -8.13 14.87
N SER A 375 -38.10 -7.81 16.12
CA SER A 375 -37.67 -6.50 16.58
C SER A 375 -36.22 -6.24 16.11
N LYS A 376 -35.54 -7.31 15.68
CA LYS A 376 -34.15 -7.29 15.22
C LYS A 376 -34.14 -7.63 13.73
N VAL A 377 -34.81 -8.75 13.36
CA VAL A 377 -34.94 -9.20 11.99
C VAL A 377 -36.44 -9.48 11.75
N SER A 378 -37.11 -8.61 10.98
CA SER A 378 -38.56 -8.75 10.77
C SER A 378 -39.03 -10.11 10.19
N LYS A 379 -40.34 -10.26 10.16
CA LYS A 379 -40.99 -11.45 9.61
C LYS A 379 -40.83 -11.40 8.11
N GLU A 380 -40.90 -10.20 7.53
CA GLU A 380 -40.77 -10.02 6.09
C GLU A 380 -39.36 -10.34 5.57
N THR A 381 -38.28 -10.04 6.33
CA THR A 381 -36.97 -10.42 5.79
C THR A 381 -36.92 -11.95 5.83
N GLU A 382 -37.51 -12.50 6.86
CA GLU A 382 -37.55 -13.96 6.99
C GLU A 382 -38.23 -14.64 5.78
N GLU A 383 -39.28 -14.01 5.17
CA GLU A 383 -40.00 -14.55 4.01
C GLU A 383 -39.27 -14.27 2.70
N LYS A 384 -38.46 -13.22 2.63
CA LYS A 384 -37.72 -13.00 1.40
C LYS A 384 -36.68 -14.12 1.36
N LEU A 385 -36.19 -14.49 2.55
CA LEU A 385 -35.18 -15.53 2.66
C LEU A 385 -35.79 -16.90 2.36
N SER A 386 -37.10 -17.10 2.66
CA SER A 386 -37.73 -18.39 2.35
C SER A 386 -37.81 -18.56 0.85
N LYS A 387 -37.64 -17.48 0.06
CA LYS A 387 -37.72 -17.60 -1.39
C LYS A 387 -36.44 -18.18 -1.96
N LEU A 388 -35.39 -18.29 -1.15
CA LEU A 388 -34.12 -18.83 -1.66
C LEU A 388 -34.18 -20.33 -2.02
N GLY A 389 -34.66 -21.13 -1.11
CA GLY A 389 -34.68 -22.57 -1.32
C GLY A 389 -33.71 -23.29 -0.43
N VAL A 390 -33.33 -22.66 0.72
CA VAL A 390 -32.44 -23.38 1.65
C VAL A 390 -33.24 -24.47 2.40
N SER A 391 -32.56 -25.52 2.88
CA SER A 391 -33.21 -26.60 3.63
C SER A 391 -34.19 -26.05 4.64
N LYS A 392 -33.85 -24.91 5.31
CA LYS A 392 -34.71 -24.29 6.33
C LYS A 392 -34.18 -22.93 6.95
N VAL A 393 -35.06 -21.90 6.99
CA VAL A 393 -34.86 -20.63 7.63
C VAL A 393 -35.51 -20.86 9.02
N GLU A 394 -34.71 -21.21 10.03
CA GLU A 394 -35.17 -21.50 11.39
C GLU A 394 -34.91 -20.35 12.35
N ARG A 395 -35.96 -19.86 13.06
CA ARG A 395 -35.69 -18.76 13.97
C ARG A 395 -35.40 -19.27 15.37
N VAL A 396 -34.35 -18.68 15.96
CA VAL A 396 -33.81 -19.01 17.28
C VAL A 396 -34.10 -17.77 18.10
N SER A 397 -35.17 -17.82 18.88
CA SER A 397 -35.57 -16.66 19.62
C SER A 397 -36.55 -16.93 20.78
N GLY A 398 -36.72 -15.87 21.59
CA GLY A 398 -37.57 -15.90 22.78
C GLY A 398 -38.13 -14.51 22.97
N GLU A 399 -38.85 -14.25 24.07
CA GLU A 399 -39.50 -12.96 24.37
C GLU A 399 -38.51 -11.83 24.62
N ASP A 400 -37.32 -12.19 25.13
CA ASP A 400 -36.26 -11.23 25.39
C ASP A 400 -34.90 -11.92 25.24
N ARG A 401 -33.81 -11.18 25.45
CA ARG A 401 -32.42 -11.63 25.30
C ARG A 401 -32.08 -12.81 26.18
N PHE A 402 -32.62 -12.79 27.41
CA PHE A 402 -32.38 -13.83 28.38
C PHE A 402 -32.92 -15.11 27.80
N GLU A 403 -34.12 -15.01 27.20
CA GLU A 403 -34.78 -16.17 26.63
C GLU A 403 -34.10 -16.57 25.33
N THR A 404 -33.68 -15.60 24.52
CA THR A 404 -33.02 -15.96 23.30
C THR A 404 -31.73 -16.72 23.60
N SER A 405 -30.98 -16.34 24.65
CA SER A 405 -29.74 -17.03 24.90
C SER A 405 -29.99 -18.46 25.22
N LEU A 406 -31.04 -18.77 26.04
CA LEU A 406 -31.34 -20.20 26.31
C LEU A 406 -31.71 -20.95 24.98
N GLU A 407 -32.44 -20.32 24.09
CA GLU A 407 -32.74 -20.96 22.81
C GLU A 407 -31.44 -21.25 22.02
N ILE A 408 -30.49 -20.26 21.98
CA ILE A 408 -29.20 -20.47 21.27
C ILE A 408 -28.57 -21.64 21.93
N ALA A 409 -28.53 -21.51 23.27
CA ALA A 409 -27.94 -22.54 24.11
C ALA A 409 -28.46 -23.93 23.72
N LYS A 410 -29.78 -24.07 23.50
CA LYS A 410 -30.38 -25.35 23.16
C LYS A 410 -29.96 -25.89 21.77
N GLN A 411 -29.65 -24.99 20.81
CA GLN A 411 -29.20 -25.36 19.46
C GLN A 411 -27.77 -25.93 19.48
N LEU A 412 -27.12 -25.90 20.62
CA LEU A 412 -25.76 -26.43 20.75
C LEU A 412 -25.88 -27.90 21.20
N LYS A 413 -24.81 -28.70 21.09
CA LYS A 413 -24.83 -30.07 21.58
C LYS A 413 -24.58 -30.07 23.10
N ASP A 414 -25.42 -30.80 23.89
CA ASP A 414 -25.33 -30.92 25.35
C ASP A 414 -24.05 -31.61 25.85
N THR A 415 -23.20 -32.07 24.94
CA THR A 415 -21.97 -32.77 25.30
C THR A 415 -20.90 -31.81 25.83
N PHE A 416 -21.26 -30.54 26.07
CA PHE A 416 -20.31 -29.52 26.51
C PHE A 416 -20.11 -29.56 28.00
N LYS A 417 -18.88 -29.34 28.45
CA LYS A 417 -18.54 -29.37 29.89
C LYS A 417 -18.41 -27.97 30.51
N THR A 418 -18.55 -26.93 29.69
CA THR A 418 -18.41 -25.58 30.18
C THR A 418 -19.55 -24.68 29.72
N ALA A 419 -19.86 -23.70 30.56
CA ALA A 419 -20.89 -22.73 30.24
C ALA A 419 -20.52 -21.40 30.92
N PHE A 420 -20.91 -20.30 30.30
CA PHE A 420 -20.55 -18.97 30.78
C PHE A 420 -21.76 -18.21 31.17
N VAL A 421 -21.69 -17.41 32.22
CA VAL A 421 -22.87 -16.62 32.64
C VAL A 421 -22.53 -15.20 32.68
N VAL A 422 -23.38 -14.37 32.07
CA VAL A 422 -23.10 -12.92 31.96
C VAL A 422 -24.39 -12.20 32.19
N GLY A 423 -24.36 -10.90 32.41
CA GLY A 423 -25.60 -10.16 32.66
C GLY A 423 -26.21 -9.54 31.42
N GLY A 424 -27.51 -9.35 31.46
CA GLY A 424 -28.21 -8.81 30.32
C GLY A 424 -27.72 -7.42 29.99
N ASN A 425 -27.04 -6.80 30.92
CA ASN A 425 -26.46 -5.47 30.63
C ASN A 425 -24.92 -5.57 30.51
N GLY A 426 -24.34 -6.79 30.40
CA GLY A 426 -22.89 -6.86 30.40
C GLY A 426 -22.26 -7.18 29.07
N GLU A 427 -22.76 -6.61 27.96
CA GLU A 427 -22.17 -7.03 26.67
C GLU A 427 -20.68 -6.63 26.44
N ALA A 428 -20.24 -5.50 26.92
CA ALA A 428 -18.89 -5.09 26.75
C ALA A 428 -17.93 -6.04 27.56
N ASP A 429 -18.39 -6.70 28.73
CA ASP A 429 -17.56 -7.66 29.50
C ASP A 429 -17.66 -9.00 28.87
N ALA A 430 -18.85 -9.30 28.38
CA ALA A 430 -19.18 -10.59 27.80
C ALA A 430 -18.46 -10.89 26.54
N MET A 431 -18.42 -9.95 25.56
CA MET A 431 -17.73 -10.07 24.28
C MET A 431 -16.32 -10.61 24.39
N SER A 432 -15.70 -10.36 25.50
CA SER A 432 -14.36 -10.82 25.78
C SER A 432 -14.22 -12.38 25.89
N ILE A 433 -15.34 -13.06 26.19
CA ILE A 433 -15.34 -14.53 26.34
C ILE A 433 -15.97 -15.21 25.13
N SER A 434 -16.51 -14.47 24.10
CA SER A 434 -17.07 -15.14 22.94
C SER A 434 -16.09 -16.07 22.21
N ALA A 435 -14.82 -15.68 21.93
CA ALA A 435 -13.95 -16.58 21.19
C ALA A 435 -13.75 -17.88 22.00
N ARG A 436 -13.43 -17.75 23.30
CA ARG A 436 -13.15 -18.90 24.15
C ARG A 436 -14.34 -19.82 24.17
N ALA A 437 -15.57 -19.25 24.30
CA ALA A 437 -16.74 -20.08 24.32
C ALA A 437 -16.97 -20.73 22.97
N ALA A 438 -16.82 -19.95 21.85
CA ALA A 438 -17.01 -20.51 20.53
C ALA A 438 -16.00 -21.64 20.36
N GLN A 439 -14.84 -21.48 20.92
CA GLN A 439 -13.76 -22.45 20.76
C GLN A 439 -14.04 -23.78 21.55
N PHE A 440 -15.09 -23.84 22.39
CA PHE A 440 -15.30 -25.02 23.20
C PHE A 440 -16.74 -25.43 23.27
N GLY A 441 -17.64 -24.94 22.40
CA GLY A 441 -19.02 -25.38 22.48
C GLY A 441 -19.72 -24.92 23.76
N ALA A 442 -19.06 -24.03 24.51
CA ALA A 442 -19.62 -23.48 25.74
C ALA A 442 -20.71 -22.45 25.50
N PRO A 443 -21.92 -22.67 26.05
CA PRO A 443 -22.96 -21.68 25.85
C PRO A 443 -22.67 -20.43 26.67
N ILE A 444 -23.35 -19.36 26.29
CA ILE A 444 -23.18 -18.13 27.00
C ILE A 444 -24.57 -17.84 27.43
N ILE A 445 -24.81 -17.92 28.72
CA ILE A 445 -26.15 -17.73 29.22
C ILE A 445 -26.21 -16.34 29.74
N VAL A 446 -27.20 -15.62 29.32
CA VAL A 446 -27.42 -14.25 29.71
C VAL A 446 -28.54 -14.31 30.77
N THR A 447 -28.37 -13.61 31.95
CA THR A 447 -29.39 -13.70 33.00
C THR A 447 -29.75 -12.33 33.59
N GLY A 448 -30.98 -12.24 34.13
CA GLY A 448 -31.46 -11.02 34.74
C GLY A 448 -31.07 -11.13 36.20
N ASN A 449 -31.76 -10.37 37.05
CA ASN A 449 -31.45 -10.37 38.47
C ASN A 449 -31.50 -11.74 39.12
N GLU A 450 -32.32 -12.63 38.58
CA GLU A 450 -32.43 -13.98 39.11
C GLU A 450 -32.45 -15.02 37.98
N LEU A 451 -31.68 -16.09 38.17
CA LEU A 451 -31.56 -17.20 37.23
C LEU A 451 -32.89 -17.92 36.98
N ASP A 452 -33.28 -18.05 35.71
CA ASP A 452 -34.49 -18.73 35.29
C ASP A 452 -34.36 -20.24 35.50
N ALA A 453 -35.48 -20.94 35.69
CA ALA A 453 -35.49 -22.37 35.95
C ALA A 453 -34.85 -23.15 34.81
N ASN A 454 -35.15 -22.77 33.57
CA ASN A 454 -34.58 -23.46 32.42
C ASN A 454 -33.08 -23.24 32.32
N ALA A 455 -32.60 -22.08 32.79
CA ALA A 455 -31.17 -21.79 32.76
C ALA A 455 -30.46 -22.75 33.71
N GLU A 456 -31.05 -22.95 34.90
CA GLU A 456 -30.51 -23.84 35.92
C GLU A 456 -30.52 -25.28 35.43
N LYS A 457 -31.53 -25.65 34.65
CA LYS A 457 -31.65 -27.01 34.12
C LYS A 457 -30.58 -27.31 33.07
N LEU A 458 -30.14 -26.29 32.35
CA LEU A 458 -29.12 -26.49 31.32
C LEU A 458 -27.72 -26.52 31.90
N LEU A 459 -27.52 -25.88 33.07
CA LEU A 459 -26.20 -25.80 33.68
C LEU A 459 -26.01 -26.72 34.90
N LYS A 460 -27.09 -27.37 35.36
CA LYS A 460 -27.00 -28.26 36.52
C LYS A 460 -26.15 -29.47 36.22
N GLY A 461 -24.91 -29.49 36.72
CA GLY A 461 -24.03 -30.63 36.50
C GLY A 461 -22.77 -30.25 35.76
N LYS A 462 -22.83 -29.12 35.05
CA LYS A 462 -21.69 -28.65 34.27
C LYS A 462 -20.89 -27.60 35.04
N GLU A 463 -19.62 -27.39 34.66
CA GLU A 463 -18.77 -26.38 35.28
C GLU A 463 -19.05 -25.00 34.65
N LEU A 464 -19.32 -24.00 35.50
CA LEU A 464 -19.69 -22.67 35.09
C LEU A 464 -18.67 -21.58 35.44
N GLU A 465 -18.69 -20.49 34.67
CA GLU A 465 -17.79 -19.35 34.90
C GLU A 465 -18.62 -18.10 34.70
N ILE A 466 -18.44 -17.11 35.57
CA ILE A 466 -19.18 -15.86 35.44
C ILE A 466 -18.26 -14.77 34.88
N VAL A 467 -18.79 -13.92 34.00
CA VAL A 467 -18.02 -12.82 33.36
C VAL A 467 -18.82 -11.54 33.61
N GLY A 468 -18.30 -10.65 34.45
CA GLY A 468 -19.00 -9.42 34.79
C GLY A 468 -18.95 -9.28 36.32
N GLY A 469 -19.06 -8.05 36.81
CA GLY A 469 -19.06 -7.79 38.24
C GLY A 469 -20.43 -8.08 38.85
N GLU A 470 -20.55 -7.88 40.18
CA GLU A 470 -21.81 -8.21 40.87
C GLU A 470 -23.00 -7.37 40.41
N ASN A 471 -22.75 -6.20 39.81
CA ASN A 471 -23.85 -5.38 39.31
C ASN A 471 -24.41 -5.87 37.94
N SER A 472 -23.81 -6.95 37.37
CA SER A 472 -24.25 -7.51 36.08
C SER A 472 -24.78 -8.87 36.35
N VAL A 473 -24.03 -9.62 37.13
CA VAL A 473 -24.46 -10.92 37.55
C VAL A 473 -24.47 -10.82 39.06
N SER A 474 -25.65 -10.70 39.60
CA SER A 474 -25.84 -10.59 41.04
C SER A 474 -25.18 -11.73 41.81
N LYS A 475 -24.78 -11.44 43.05
CA LYS A 475 -24.13 -12.40 43.94
C LYS A 475 -25.13 -13.48 44.34
N GLU A 476 -26.41 -13.22 44.11
CA GLU A 476 -27.48 -14.19 44.39
C GLU A 476 -27.46 -15.27 43.29
N VAL A 477 -27.36 -14.84 42.03
CA VAL A 477 -27.29 -15.76 40.89
C VAL A 477 -26.07 -16.63 41.07
N GLU A 478 -25.00 -16.01 41.55
CA GLU A 478 -23.77 -16.70 41.84
C GLU A 478 -23.97 -17.83 42.83
N ASP A 479 -24.66 -17.55 43.95
CA ASP A 479 -24.93 -18.57 44.95
C ASP A 479 -25.66 -19.76 44.35
N LYS A 480 -26.69 -19.50 43.51
CA LYS A 480 -27.44 -20.57 42.85
C LYS A 480 -26.57 -21.38 41.87
N LEU A 481 -25.53 -20.76 41.29
CA LEU A 481 -24.64 -21.40 40.34
C LEU A 481 -23.71 -22.36 41.04
N VAL A 482 -23.10 -21.91 42.14
CA VAL A 482 -22.20 -22.76 42.94
C VAL A 482 -22.96 -24.01 43.36
N ASP A 483 -24.27 -23.86 43.60
CA ASP A 483 -25.15 -24.96 43.99
C ASP A 483 -25.31 -26.00 42.86
N ILE A 484 -25.59 -25.54 41.62
CA ILE A 484 -25.78 -26.45 40.49
C ILE A 484 -24.47 -26.80 39.78
N ASP A 485 -23.35 -26.21 40.23
CA ASP A 485 -22.04 -26.48 39.64
C ASP A 485 -21.56 -27.89 40.01
N LEU A 486 -20.71 -28.48 39.16
CA LEU A 486 -20.19 -29.83 39.36
C LEU A 486 -19.26 -29.95 40.56
N ASN A 487 -18.27 -29.07 40.65
CA ASN A 487 -17.28 -29.11 41.73
C ASN A 487 -17.62 -28.15 42.88
N ASN A 488 -18.83 -27.59 42.87
CA ASN A 488 -19.30 -26.65 43.89
C ASN A 488 -18.38 -25.46 44.00
N LYS A 489 -18.00 -24.89 42.85
CA LYS A 489 -17.10 -23.75 42.78
C LYS A 489 -17.24 -23.02 41.44
N VAL A 490 -17.50 -21.70 41.48
CA VAL A 490 -17.64 -20.92 40.26
C VAL A 490 -16.80 -19.66 40.37
N GLU A 491 -15.81 -19.55 39.50
CA GLU A 491 -14.96 -18.37 39.46
C GLU A 491 -15.67 -17.24 38.69
N ARG A 492 -15.33 -16.02 39.03
CA ARG A 492 -15.86 -14.81 38.41
C ARG A 492 -14.67 -14.02 37.83
N LEU A 493 -14.70 -13.71 36.56
CA LEU A 493 -13.69 -12.86 35.89
C LEU A 493 -14.38 -11.45 35.82
N ALA A 494 -13.87 -10.43 36.53
CA ALA A 494 -14.51 -9.14 36.56
C ALA A 494 -13.51 -8.04 36.85
N GLY A 495 -13.28 -7.13 35.90
CA GLY A 495 -12.40 -6.01 36.16
C GLY A 495 -13.24 -4.78 36.44
N GLU A 496 -12.63 -3.70 36.89
CA GLU A 496 -13.29 -2.44 37.15
C GLU A 496 -14.00 -1.91 35.90
N ASN A 497 -13.45 -2.17 34.70
CA ASN A 497 -14.06 -1.74 33.43
C ASN A 497 -13.84 -2.83 32.40
N ARG A 498 -14.38 -2.64 31.23
CA ARG A 498 -14.35 -3.62 30.18
C ARG A 498 -12.93 -3.97 29.65
N LYS A 499 -11.95 -3.04 29.75
CA LYS A 499 -10.62 -3.27 29.29
C LYS A 499 -9.93 -4.18 30.40
N ASP A 500 -10.19 -3.92 31.69
CA ASP A 500 -9.68 -4.81 32.73
C ASP A 500 -10.33 -6.18 32.63
N THR A 501 -11.60 -6.28 32.33
CA THR A 501 -12.17 -7.64 32.11
C THR A 501 -11.49 -8.36 30.93
N ASN A 502 -11.33 -7.63 29.81
CA ASN A 502 -10.70 -8.22 28.64
C ASN A 502 -9.34 -8.69 29.07
N ALA A 503 -8.53 -7.84 29.79
CA ALA A 503 -7.21 -8.34 30.26
C ALA A 503 -7.36 -9.61 31.11
N LYS A 504 -8.35 -9.70 32.08
CA LYS A 504 -8.47 -11.01 32.85
C LYS A 504 -8.81 -12.23 32.02
N VAL A 505 -9.71 -12.10 30.96
CA VAL A 505 -9.99 -13.27 30.12
C VAL A 505 -8.68 -13.72 29.40
N ILE A 506 -7.95 -12.72 28.85
CA ILE A 506 -6.71 -13.02 28.14
C ILE A 506 -5.71 -13.67 29.13
N ASN A 507 -5.61 -13.16 30.38
CA ASN A 507 -4.61 -13.74 31.32
C ASN A 507 -4.96 -15.18 31.67
N LYS A 508 -6.22 -15.45 31.74
CA LYS A 508 -6.62 -16.78 32.14
C LYS A 508 -6.60 -17.83 31.06
N TYR A 509 -6.99 -17.49 29.86
CA TYR A 509 -7.09 -18.53 28.89
C TYR A 509 -6.12 -18.58 27.75
N TYR A 510 -5.19 -17.61 27.58
CA TYR A 510 -4.54 -17.63 26.30
C TYR A 510 -3.06 -17.76 26.31
N ALA A 511 -2.48 -18.28 27.42
CA ALA A 511 -1.06 -18.48 27.47
C ALA A 511 -0.68 -19.34 26.21
N GLY A 512 0.40 -19.04 25.53
CA GLY A 512 0.74 -19.84 24.37
C GLY A 512 0.02 -19.53 23.06
N ALA A 513 -0.99 -18.58 23.00
CA ALA A 513 -1.66 -18.35 21.72
C ALA A 513 -0.60 -17.86 20.67
N THR A 514 -0.81 -18.26 19.43
CA THR A 514 0.11 -17.94 18.36
C THR A 514 -0.47 -16.79 17.48
N LYS A 515 -1.62 -16.21 17.89
CA LYS A 515 -2.20 -15.07 17.16
C LYS A 515 -2.94 -14.19 18.13
N ALA A 516 -3.13 -12.93 17.72
CA ALA A 516 -3.93 -12.00 18.54
C ALA A 516 -4.83 -11.28 17.54
N TYR A 517 -6.07 -11.21 17.85
CA TYR A 517 -6.97 -10.42 17.06
C TYR A 517 -7.29 -9.09 17.88
N VAL A 518 -7.69 -7.96 17.23
CA VAL A 518 -8.03 -6.74 18.06
C VAL A 518 -9.28 -6.08 17.46
N ALA A 519 -10.22 -5.56 18.31
CA ALA A 519 -11.42 -4.99 17.75
C ALA A 519 -11.92 -3.84 18.63
N LYS A 520 -12.81 -2.98 18.14
CA LYS A 520 -13.20 -1.78 19.04
C LYS A 520 -13.86 -2.20 20.20
N ASP A 521 -13.63 -1.55 21.29
CA ASP A 521 -14.28 -1.93 22.56
C ASP A 521 -15.65 -1.23 22.90
N GLY A 522 -16.09 -0.26 22.11
CA GLY A 522 -17.43 0.31 22.37
C GLY A 522 -17.37 1.66 23.08
N TYR A 523 -16.16 2.13 23.42
CA TYR A 523 -15.88 3.38 24.14
C TYR A 523 -16.02 4.56 23.13
N VAL A 524 -15.81 4.34 21.80
CA VAL A 524 -16.08 5.38 20.76
C VAL A 524 -17.32 4.93 20.00
N GLY A 525 -18.42 5.70 20.15
CA GLY A 525 -19.64 5.40 19.43
C GLY A 525 -20.57 4.47 20.13
N GLY A 526 -20.28 4.06 21.40
CA GLY A 526 -21.22 3.20 22.13
C GLY A 526 -21.07 1.69 21.85
N ASN A 527 -21.81 0.87 22.60
CA ASN A 527 -21.79 -0.61 22.56
C ASN A 527 -22.15 -1.25 21.18
N GLY A 528 -22.96 -0.58 20.37
CA GLY A 528 -23.22 -1.08 19.04
C GLY A 528 -21.91 -1.33 18.29
N GLN A 529 -20.77 -0.64 18.68
CA GLN A 529 -19.51 -0.84 17.96
C GLN A 529 -18.83 -2.21 18.32
N LEU A 530 -19.41 -2.93 19.25
CA LEU A 530 -18.90 -4.24 19.62
C LEU A 530 -19.27 -5.25 18.55
N VAL A 531 -20.03 -4.80 17.52
CA VAL A 531 -20.45 -5.78 16.50
C VAL A 531 -19.27 -6.41 15.77
N ASP A 532 -18.17 -5.64 15.57
CA ASP A 532 -17.03 -6.22 14.85
C ASP A 532 -16.44 -7.44 15.67
N ALA A 533 -16.30 -7.23 16.95
CA ALA A 533 -15.82 -8.16 17.87
C ALA A 533 -16.70 -9.44 17.73
N LEU A 534 -18.04 -9.29 17.79
CA LEU A 534 -18.92 -10.42 17.72
C LEU A 534 -18.86 -11.11 16.31
N THR A 535 -18.73 -10.40 15.16
CA THR A 535 -18.61 -11.21 13.91
C THR A 535 -17.27 -11.96 13.85
N ALA A 536 -16.17 -11.41 14.48
CA ALA A 536 -14.93 -12.13 14.46
C ALA A 536 -14.71 -13.21 15.57
N ALA A 537 -15.51 -13.30 16.57
CA ALA A 537 -15.17 -14.27 17.60
C ALA A 537 -15.06 -15.78 17.01
N PRO A 538 -15.90 -16.33 16.07
CA PRO A 538 -15.70 -17.75 15.59
C PRO A 538 -14.42 -17.83 14.84
N LEU A 539 -14.01 -16.65 14.21
CA LEU A 539 -12.76 -16.65 13.51
C LEU A 539 -11.61 -16.75 14.53
N ALA A 540 -11.63 -15.90 15.57
CA ALA A 540 -10.60 -16.03 16.60
C ALA A 540 -10.71 -17.45 17.26
N ALA A 541 -11.96 -18.02 17.47
CA ALA A 541 -12.07 -19.38 18.03
C ALA A 541 -11.31 -20.38 17.12
N SER A 542 -11.53 -20.33 15.79
CA SER A 542 -10.84 -21.27 14.82
C SER A 542 -9.32 -21.13 14.96
N SER A 543 -8.83 -19.93 15.31
CA SER A 543 -7.37 -19.80 15.49
C SER A 543 -6.93 -19.99 16.99
N LYS A 544 -7.83 -20.47 17.91
CA LYS A 544 -7.49 -20.58 19.37
C LYS A 544 -6.80 -19.31 19.84
N ALA A 545 -7.38 -18.11 19.46
CA ALA A 545 -6.64 -16.90 19.71
C ALA A 545 -7.64 -15.92 20.38
N PRO A 546 -7.14 -14.98 21.16
CA PRO A 546 -8.05 -14.02 21.83
C PRO A 546 -8.37 -12.71 20.96
N ILE A 547 -9.38 -11.94 21.41
CA ILE A 547 -9.72 -10.71 20.78
C ILE A 547 -9.36 -9.63 21.84
N VAL A 548 -8.35 -8.83 21.58
CA VAL A 548 -8.04 -7.75 22.51
C VAL A 548 -9.13 -6.63 22.18
N LEU A 549 -9.87 -6.12 23.18
CA LEU A 549 -10.85 -5.06 22.82
C LEU A 549 -10.26 -3.69 23.17
N THR A 550 -10.03 -2.90 22.08
CA THR A 550 -9.59 -1.57 22.35
C THR A 550 -9.94 -0.63 21.17
N THR A 551 -10.21 0.67 21.48
CA THR A 551 -10.37 1.64 20.37
C THR A 551 -9.20 2.57 20.36
N GLU A 552 -8.88 3.14 21.53
CA GLU A 552 -7.75 4.00 21.61
C GLU A 552 -6.60 3.14 22.20
N GLU A 553 -5.67 3.72 22.94
CA GLU A 553 -4.59 2.87 23.49
C GLU A 553 -5.04 1.86 24.53
N LEU A 554 -4.26 0.79 24.63
CA LEU A 554 -4.47 -0.28 25.62
C LEU A 554 -4.47 0.18 27.01
N SER A 555 -5.27 -0.43 27.84
CA SER A 555 -5.04 -0.13 29.22
C SER A 555 -3.70 -0.76 29.66
N LYS A 556 -3.20 -0.29 30.81
CA LYS A 556 -2.03 -0.85 31.44
C LYS A 556 -2.31 -2.30 31.77
N SER A 557 -3.49 -2.60 32.35
CA SER A 557 -3.84 -4.01 32.66
C SER A 557 -3.75 -4.92 31.37
N GLN A 558 -4.17 -4.38 30.19
CA GLN A 558 -4.04 -5.11 28.93
C GLN A 558 -2.64 -5.21 28.46
N GLU A 559 -1.88 -4.12 28.58
CA GLU A 559 -0.49 -4.12 28.16
C GLU A 559 0.34 -5.31 28.97
N GLU A 560 0.16 -5.41 30.28
CA GLU A 560 0.79 -6.36 31.12
C GLU A 560 0.42 -7.80 30.74
N VAL A 561 -0.91 -8.15 30.52
CA VAL A 561 -1.26 -9.51 30.14
C VAL A 561 -0.82 -9.87 28.77
N VAL A 562 -0.83 -8.89 27.82
CA VAL A 562 -0.38 -9.25 26.51
C VAL A 562 1.13 -9.63 26.61
N GLU A 563 1.91 -8.82 27.33
CA GLU A 563 3.33 -9.03 27.53
C GLU A 563 3.57 -10.44 28.13
N LEU A 564 2.70 -10.92 29.11
CA LEU A 564 2.89 -12.27 29.70
C LEU A 564 2.40 -13.40 28.87
N ARG A 565 1.25 -13.21 28.18
CA ARG A 565 0.62 -14.33 27.51
C ARG A 565 0.82 -14.46 26.06
N LEU A 566 1.25 -13.41 25.35
CA LEU A 566 1.13 -13.61 23.86
C LEU A 566 2.39 -13.47 23.14
N LYS A 567 3.44 -13.81 23.83
CA LYS A 567 4.79 -13.80 23.35
C LYS A 567 5.00 -14.69 22.19
N ASN A 568 4.14 -15.68 22.03
CA ASN A 568 4.22 -16.64 20.90
C ASN A 568 3.39 -16.13 19.68
N ALA A 569 2.66 -14.96 19.78
CA ALA A 569 1.81 -14.51 18.67
C ALA A 569 2.65 -14.11 17.45
N THR A 570 2.44 -14.69 16.26
CA THR A 570 3.26 -14.35 15.10
C THR A 570 2.43 -13.66 14.08
N LYS A 571 1.28 -13.07 14.53
CA LYS A 571 0.34 -12.38 13.64
C LYS A 571 -0.66 -11.54 14.45
N LEU A 572 -0.85 -10.32 14.08
CA LEU A 572 -1.89 -9.46 14.72
C LEU A 572 -2.94 -9.18 13.64
N VAL A 573 -4.18 -9.62 13.83
CA VAL A 573 -5.22 -9.38 12.82
C VAL A 573 -6.17 -8.28 13.39
N GLN A 574 -6.25 -7.09 12.81
CA GLN A 574 -7.24 -6.07 13.26
C GLN A 574 -8.64 -6.28 12.60
N ILE A 575 -9.75 -6.35 13.33
CA ILE A 575 -11.07 -6.44 12.72
C ILE A 575 -11.69 -4.99 12.68
N GLY A 576 -12.17 -4.51 11.49
CA GLY A 576 -12.83 -3.16 11.53
C GLY A 576 -11.85 -2.03 11.39
N GLU A 577 -12.35 -0.83 11.45
CA GLU A 577 -11.58 0.42 11.26
C GLU A 577 -11.73 1.33 12.47
N GLY A 578 -10.95 2.41 12.60
CA GLY A 578 -11.14 3.26 13.80
C GLY A 578 -10.33 2.81 15.01
N ILE A 579 -9.35 1.91 14.84
CA ILE A 579 -8.54 1.53 15.98
C ILE A 579 -7.30 2.33 15.84
N ALA A 580 -6.91 3.03 16.92
CA ALA A 580 -5.69 3.90 16.91
C ALA A 580 -4.43 3.06 16.48
N LYS A 581 -3.60 3.60 15.62
CA LYS A 581 -2.35 2.94 15.18
C LYS A 581 -1.47 2.69 16.40
N ASN A 582 -1.50 3.62 17.31
CA ASN A 582 -0.70 3.41 18.53
C ASN A 582 -1.04 2.08 19.37
N ALA A 583 -2.33 1.67 19.44
CA ALA A 583 -2.69 0.45 20.17
C ALA A 583 -2.16 -0.73 19.42
N ILE A 584 -2.25 -0.70 18.08
CA ILE A 584 -1.66 -1.77 17.26
C ILE A 584 -0.15 -1.77 17.47
N GLU A 585 0.46 -0.57 17.61
CA GLU A 585 1.91 -0.56 17.74
C GLU A 585 2.22 -1.12 19.12
N LYS A 586 1.49 -0.67 20.13
CA LYS A 586 1.66 -1.11 21.54
C LYS A 586 1.57 -2.63 21.57
N ILE A 587 0.57 -3.22 20.86
CA ILE A 587 0.34 -4.64 20.88
C ILE A 587 1.54 -5.35 20.24
N ALA A 588 1.96 -4.89 19.03
CA ALA A 588 3.09 -5.45 18.33
C ALA A 588 4.40 -5.48 19.22
N GLU A 589 4.64 -4.40 19.93
CA GLU A 589 5.77 -4.19 20.77
C GLU A 589 5.78 -5.27 21.89
N LYS A 590 4.69 -5.36 22.72
CA LYS A 590 4.56 -6.35 23.79
C LYS A 590 4.71 -7.78 23.37
N ILE A 591 4.17 -8.18 22.25
CA ILE A 591 4.33 -9.59 21.81
C ILE A 591 5.58 -9.81 20.99
N ASN A 592 6.46 -8.78 20.84
CA ASN A 592 7.69 -8.94 20.04
C ASN A 592 7.41 -9.38 18.63
N LEU A 593 6.43 -8.80 18.01
CA LEU A 593 6.06 -9.24 16.67
C LEU A 593 7.11 -8.93 15.58
N PHE A 594 7.89 -7.90 15.68
CA PHE A 594 8.74 -7.63 14.51
C PHE A 594 10.20 -8.14 14.44
N THR A 595 10.66 -8.31 13.16
CA THR A 595 12.00 -8.75 12.73
C THR A 595 12.42 -10.13 13.32
S SO4 B . -5.06 1.28 33.66
O1 SO4 B . -4.28 1.58 34.97
O2 SO4 B . -4.44 2.08 32.49
O3 SO4 B . -6.48 1.72 33.86
O4 SO4 B . -5.10 -0.30 33.45
S SO4 C . -17.11 0.24 31.52
O1 SO4 C . -16.19 1.32 31.68
O2 SO4 C . -17.54 -0.16 32.74
O3 SO4 C . -16.46 -0.91 30.80
O4 SO4 C . -18.25 0.71 30.75
S SO4 D . -20.87 1.20 11.19
O1 SO4 D . -21.34 1.73 12.51
O2 SO4 D . -20.73 2.21 10.28
O3 SO4 D . -21.77 0.29 10.65
O4 SO4 D . -19.52 0.52 11.38
S SO4 E . -34.85 -7.24 25.25
O1 SO4 E . -35.87 -7.00 26.32
O2 SO4 E . -34.01 -6.07 25.04
O3 SO4 E . -35.54 -7.51 24.03
O4 SO4 E . -34.05 -8.39 25.69
S SO4 F . -4.53 6.61 13.99
O1 SO4 F . -3.36 7.31 13.39
O2 SO4 F . -4.61 6.84 15.42
O3 SO4 F . -5.77 7.12 13.40
O4 SO4 F . -4.39 5.22 13.67
S SO4 G . 2.88 -15.74 35.04
O1 SO4 G . 3.73 -16.33 36.20
O2 SO4 G . 2.39 -14.46 35.36
O3 SO4 G . 1.74 -16.64 34.83
O4 SO4 G . 3.75 -15.72 33.85
S SO4 H . -6.80 -14.19 10.13
O1 SO4 H . -7.50 -13.37 11.11
O2 SO4 H . -6.55 -13.32 8.82
O3 SO4 H . -5.48 -14.78 10.53
O4 SO4 H . -7.84 -15.20 10.06
S SO4 I . 7.13 0.25 29.44
O1 SO4 I . 6.44 1.54 29.37
O2 SO4 I . 7.82 0.16 30.74
O3 SO4 I . 8.10 0.15 28.35
O4 SO4 I . 6.17 -0.87 29.34
CL CL J . -4.20 -5.99 5.43
#